data_5JUI
#
_entry.id   5JUI
#
_cell.length_a   109.827
_cell.length_b   162.367
_cell.length_c   102.092
_cell.angle_alpha   90.00
_cell.angle_beta   90.00
_cell.angle_gamma   90.00
#
_symmetry.space_group_name_H-M   'C 2 2 21'
#
loop_
_entity.id
_entity.type
_entity.pdbx_description
1 polymer 'Cell wall surface anchor family protein'
2 non-polymer 'SODIUM ION'
3 non-polymer GLYCEROL
4 water water
#
_entity_poly.entity_id   1
_entity_poly.type   'polypeptide(L)'
_entity_poly.pdbx_seq_one_letter_code
;HHHHHHSGNTIVNGAPAINASLNIAKSETKVYTGEGVDSVYRVPIYYKLKVTNDGSKLTFTYTVTYVNPKTNDLGNISSM
RPGYSIYNSGTSTQTMLTLGSDLGKPSGVKNYITDKNGRQVLSYNTSTMTTQGSGYTWGNGAQMNGFFAKKGYGLTSSWT
VPITGTDTSFTFTPYAARTDRIGINYFNGGGKVVESST
;
_entity_poly.pdbx_strand_id   A,B,C
#
loop_
_chem_comp.id
_chem_comp.type
_chem_comp.name
_chem_comp.formula
GOL non-polymer GLYCEROL 'C3 H8 O3'
NA non-polymer 'SODIUM ION' 'Na 1'
#
# COMPACT_ATOMS: atom_id res chain seq x y z
N LEU A 22 47.97 -18.17 9.12
CA LEU A 22 48.50 -16.95 8.53
C LEU A 22 49.40 -16.23 9.54
N ASN A 23 49.29 -16.62 10.81
CA ASN A 23 50.03 -15.99 11.90
C ASN A 23 49.68 -14.51 12.11
N ILE A 24 48.40 -14.20 11.99
CA ILE A 24 47.87 -12.87 12.30
C ILE A 24 48.20 -12.45 13.74
N ALA A 25 48.71 -11.22 13.89
CA ALA A 25 48.88 -10.56 15.19
C ALA A 25 47.78 -10.89 16.20
N LYS A 26 48.16 -11.14 17.44
CA LYS A 26 47.18 -11.46 18.47
C LYS A 26 46.68 -10.17 19.11
N SER A 27 47.47 -9.10 19.01
CA SER A 27 47.00 -7.79 19.43
C SER A 27 47.71 -6.65 18.73
N GLU A 28 47.10 -5.48 18.76
CA GLU A 28 47.65 -4.26 18.20
C GLU A 28 47.45 -3.14 19.21
N THR A 29 48.49 -2.36 19.42
CA THR A 29 48.47 -1.33 20.45
C THR A 29 48.94 0.02 19.90
N LYS A 30 48.21 1.08 20.25
CA LYS A 30 48.66 2.41 19.89
C LYS A 30 48.83 3.25 21.14
N VAL A 31 49.89 4.06 21.14
CA VAL A 31 50.21 4.93 22.25
C VAL A 31 50.13 6.39 21.83
N TYR A 32 49.28 7.14 22.53
CA TYR A 32 49.11 8.57 22.31
C TYR A 32 49.67 9.33 23.49
N THR A 33 50.38 10.42 23.21
CA THR A 33 50.85 11.30 24.27
C THR A 33 50.48 12.75 23.95
N GLY A 34 50.54 13.60 24.95
CA GLY A 34 50.29 15.01 24.75
C GLY A 34 50.71 15.76 25.99
N GLU A 35 50.52 17.07 26.01
CA GLU A 35 50.94 17.86 27.15
C GLU A 35 50.03 19.06 27.44
N GLY A 36 50.16 19.59 28.64
CA GLY A 36 49.42 20.75 29.08
C GLY A 36 50.32 21.50 30.03
N VAL A 37 49.76 22.39 30.83
CA VAL A 37 50.55 23.18 31.76
C VAL A 37 49.96 23.13 33.16
N ASP A 38 50.79 22.82 34.15
CA ASP A 38 50.39 22.94 35.54
C ASP A 38 50.44 24.43 35.86
N SER A 39 49.28 25.04 36.04
CA SER A 39 49.16 26.48 36.26
C SER A 39 49.86 26.93 37.54
N VAL A 40 49.80 26.09 38.57
CA VAL A 40 50.35 26.43 39.87
C VAL A 40 51.87 26.52 39.84
N TYR A 41 52.51 25.53 39.26
CA TYR A 41 53.97 25.51 39.25
C TYR A 41 54.58 25.91 37.92
N ARG A 42 53.73 26.26 36.96
CA ARG A 42 54.18 26.69 35.63
C ARG A 42 55.16 25.72 35.01
N VAL A 43 54.79 24.45 34.96
CA VAL A 43 55.62 23.44 34.33
C VAL A 43 54.74 22.62 33.41
N PRO A 44 55.36 21.95 32.42
CA PRO A 44 54.58 21.05 31.58
C PRO A 44 54.06 19.87 32.39
N ILE A 45 52.85 19.42 32.08
CA ILE A 45 52.34 18.17 32.61
C ILE A 45 51.97 17.31 31.40
N TYR A 46 52.13 15.99 31.52
CA TYR A 46 51.97 15.12 30.36
C TYR A 46 50.94 14.03 30.59
N TYR A 47 50.37 13.55 29.50
CA TYR A 47 49.55 12.35 29.57
C TYR A 47 50.04 11.32 28.57
N LYS A 48 49.73 10.06 28.87
CA LYS A 48 49.97 8.96 27.95
C LYS A 48 48.73 8.12 27.95
N LEU A 49 48.26 7.78 26.76
CA LEU A 49 47.12 6.89 26.63
C LEU A 49 47.51 5.70 25.77
N LYS A 50 47.47 4.52 26.38
CA LYS A 50 47.79 3.30 25.65
C LYS A 50 46.51 2.52 25.42
N VAL A 51 46.27 2.16 24.17
CA VAL A 51 45.05 1.44 23.83
C VAL A 51 45.40 0.16 23.09
N THR A 52 45.01 -0.97 23.65
CA THR A 52 45.32 -2.28 23.07
C THR A 52 44.06 -2.99 22.60
N ASN A 53 44.11 -3.47 21.37
CA ASN A 53 42.99 -4.20 20.77
C ASN A 53 43.39 -5.66 20.54
N ASP A 54 42.70 -6.59 21.21
CA ASP A 54 43.01 -8.00 21.03
C ASP A 54 41.94 -8.73 20.22
N GLY A 55 41.02 -7.97 19.64
CA GLY A 55 39.95 -8.54 18.87
C GLY A 55 38.69 -8.75 19.68
N SER A 56 38.86 -9.07 20.97
CA SER A 56 37.70 -9.29 21.84
C SER A 56 37.37 -8.05 22.67
N LYS A 57 38.38 -7.26 23.00
CA LYS A 57 38.19 -6.08 23.83
C LYS A 57 39.28 -5.04 23.62
N LEU A 58 38.97 -3.78 23.94
CA LEU A 58 39.98 -2.73 24.02
C LEU A 58 40.47 -2.62 25.46
N THR A 59 41.76 -2.43 25.65
CA THR A 59 42.31 -2.20 26.98
C THR A 59 42.94 -0.82 27.00
N PHE A 60 42.44 0.03 27.89
CA PHE A 60 42.92 1.41 28.00
C PHE A 60 43.82 1.58 29.20
N THR A 61 44.97 2.23 29.02
CA THR A 61 45.85 2.58 30.13
C THR A 61 46.23 4.04 30.03
N TYR A 62 45.83 4.80 31.04
CA TYR A 62 45.88 6.26 31.01
C TYR A 62 46.71 6.81 32.16
N THR A 63 47.80 7.50 31.82
CA THR A 63 48.72 7.97 32.83
C THR A 63 48.92 9.48 32.75
N VAL A 64 48.89 10.14 33.89
CA VAL A 64 49.23 11.56 33.99
C VAL A 64 50.51 11.67 34.81
N THR A 65 51.47 12.42 34.28
CA THR A 65 52.81 12.51 34.90
C THR A 65 53.55 13.78 34.53
N TYR A 66 54.57 14.13 35.31
CA TYR A 66 55.39 15.31 35.02
C TYR A 66 56.67 14.91 34.29
N VAL A 67 56.78 13.63 33.96
CA VAL A 67 57.90 13.13 33.17
C VAL A 67 57.53 13.16 31.68
N ASN A 68 58.36 13.82 30.87
CA ASN A 68 58.15 13.90 29.43
C ASN A 68 58.28 12.51 28.79
N PRO A 69 57.22 12.04 28.15
CA PRO A 69 57.21 10.69 27.55
C PRO A 69 58.27 10.57 26.44
N LYS A 70 58.59 11.68 25.79
CA LYS A 70 59.55 11.67 24.69
C LYS A 70 60.99 11.60 25.19
N THR A 71 61.31 12.38 26.21
CA THR A 71 62.68 12.47 26.70
C THR A 71 62.93 11.63 27.94
N ASN A 72 61.86 11.16 28.57
CA ASN A 72 61.94 10.41 29.83
C ASN A 72 62.56 11.25 30.94
N ASP A 73 62.50 12.57 30.77
CA ASP A 73 63.05 13.48 31.77
C ASP A 73 61.94 14.15 32.58
N LEU A 74 62.08 14.12 33.89
CA LEU A 74 61.15 14.80 34.79
C LEU A 74 61.37 16.30 34.72
N GLY A 75 60.29 17.05 34.61
CA GLY A 75 60.38 18.50 34.64
C GLY A 75 60.89 18.99 35.98
N ASN A 76 61.23 20.28 36.07
CA ASN A 76 61.72 20.84 37.32
C ASN A 76 60.59 21.19 38.27
N ILE A 77 60.28 20.28 39.18
CA ILE A 77 59.23 20.51 40.15
C ILE A 77 59.81 20.38 41.55
N SER A 78 61.05 20.80 41.72
CA SER A 78 61.72 20.73 43.02
C SER A 78 61.00 21.59 44.05
N SER A 79 60.30 22.61 43.57
CA SER A 79 59.58 23.52 44.46
C SER A 79 58.16 23.05 44.72
N MET A 80 57.78 21.90 44.15
CA MET A 80 56.44 21.36 44.37
C MET A 80 56.36 20.84 45.80
N ARG A 81 55.34 21.28 46.54
CA ARG A 81 55.24 20.86 47.93
C ARG A 81 54.70 19.44 47.96
N PRO A 82 55.11 18.67 48.97
CA PRO A 82 54.74 17.25 49.05
C PRO A 82 53.25 17.02 49.22
N GLY A 83 52.54 18.03 49.72
CA GLY A 83 51.12 17.93 49.98
C GLY A 83 50.25 18.35 48.81
N TYR A 84 50.88 18.91 47.78
CA TYR A 84 50.20 19.27 46.53
C TYR A 84 49.66 17.99 45.90
N SER A 85 48.43 18.04 45.41
CA SER A 85 47.79 16.86 44.85
C SER A 85 47.00 17.17 43.58
N ILE A 86 46.98 16.22 42.65
CA ILE A 86 46.23 16.37 41.40
C ILE A 86 45.31 15.20 41.12
N TYR A 87 44.19 15.48 40.45
CA TYR A 87 43.30 14.44 39.96
C TYR A 87 43.66 14.14 38.50
N ASN A 88 43.31 12.96 38.01
CA ASN A 88 43.49 12.64 36.60
C ASN A 88 42.14 12.54 35.90
N SER A 89 41.10 13.01 36.59
CA SER A 89 39.75 12.99 36.05
C SER A 89 38.94 14.15 36.61
N GLY A 90 37.84 14.48 35.94
CA GLY A 90 37.01 15.61 36.31
C GLY A 90 35.72 15.20 36.99
N THR A 91 34.72 16.07 36.94
CA THR A 91 33.44 15.80 37.59
C THR A 91 32.64 14.76 36.82
N SER A 92 31.50 14.37 37.36
CA SER A 92 30.67 13.33 36.77
C SER A 92 30.03 13.76 35.46
N THR A 93 30.15 15.05 35.13
CA THR A 93 29.53 15.59 33.93
C THR A 93 30.55 15.97 32.86
N GLN A 94 31.83 15.88 33.20
CA GLN A 94 32.89 16.20 32.24
C GLN A 94 33.33 14.94 31.51
N THR A 95 32.68 14.67 30.38
CA THR A 95 32.91 13.46 29.62
C THR A 95 34.38 13.32 29.21
N MET A 96 34.94 12.15 29.48
CA MET A 96 36.33 11.89 29.15
C MET A 96 36.45 10.81 28.08
N LEU A 97 35.45 9.94 28.01
CA LEU A 97 35.51 8.85 27.05
C LEU A 97 34.18 8.73 26.31
N THR A 98 34.25 8.69 24.99
CA THR A 98 33.07 8.43 24.17
C THR A 98 33.30 7.20 23.31
N LEU A 99 32.35 6.28 23.28
CA LEU A 99 32.54 5.01 22.62
C LEU A 99 31.61 4.81 21.42
N GLY A 100 32.13 4.17 20.37
CA GLY A 100 31.36 3.91 19.17
C GLY A 100 30.32 2.82 19.40
N SER A 101 29.50 2.58 18.39
CA SER A 101 28.32 1.73 18.56
C SER A 101 28.62 0.25 18.76
N ASP A 102 29.78 -0.20 18.29
CA ASP A 102 30.13 -1.62 18.44
C ASP A 102 31.05 -1.87 19.62
N LEU A 103 31.13 -0.89 20.52
CA LEU A 103 31.85 -1.07 21.77
C LEU A 103 30.83 -1.21 22.90
N GLY A 104 31.06 -2.17 23.79
CA GLY A 104 30.11 -2.44 24.87
C GLY A 104 30.29 -1.54 26.08
N LYS A 105 29.90 -2.05 27.24
CA LYS A 105 29.95 -1.30 28.49
C LYS A 105 31.35 -1.40 29.13
N PRO A 106 31.96 -0.25 29.45
CA PRO A 106 33.30 -0.22 30.05
C PRO A 106 33.32 -0.98 31.38
N SER A 107 34.46 -1.55 31.74
CA SER A 107 34.62 -2.24 33.02
C SER A 107 34.83 -1.20 34.13
N GLY A 108 35.08 -1.67 35.35
CA GLY A 108 35.48 -0.77 36.41
C GLY A 108 36.85 -0.17 36.08
N VAL A 109 37.15 1.00 36.64
CA VAL A 109 38.40 1.68 36.36
C VAL A 109 39.39 1.46 37.51
N LYS A 110 40.48 0.75 37.22
CA LYS A 110 41.54 0.57 38.21
C LYS A 110 42.34 1.85 38.36
N ASN A 111 42.65 2.22 39.60
CA ASN A 111 43.46 3.41 39.86
C ASN A 111 44.73 3.05 40.63
N TYR A 112 45.87 3.52 40.14
CA TYR A 112 47.14 3.18 40.79
C TYR A 112 48.26 4.16 40.50
N ILE A 113 49.34 4.05 41.26
CA ILE A 113 50.51 4.89 41.06
C ILE A 113 51.55 4.06 40.34
N THR A 114 52.11 4.61 39.26
CA THR A 114 53.12 3.90 38.49
C THR A 114 54.46 4.60 38.62
N ASP A 115 55.55 3.83 38.54
CA ASP A 115 56.86 4.46 38.62
C ASP A 115 57.26 5.01 37.26
N LYS A 116 58.52 5.41 37.13
CA LYS A 116 59.00 6.06 35.92
C LYS A 116 58.93 5.12 34.71
N ASN A 117 58.94 3.82 34.97
CA ASN A 117 58.92 2.83 33.90
C ASN A 117 57.53 2.21 33.69
N GLY A 118 56.53 2.79 34.33
CA GLY A 118 55.15 2.34 34.14
C GLY A 118 54.75 1.17 35.01
N ARG A 119 55.64 0.74 35.90
CA ARG A 119 55.32 -0.33 36.83
C ARG A 119 54.56 0.17 38.05
N GLN A 120 53.60 -0.64 38.51
CA GLN A 120 52.76 -0.31 39.64
C GLN A 120 53.52 -0.22 40.96
N VAL A 121 53.34 0.90 41.65
CA VAL A 121 53.94 1.11 42.96
C VAL A 121 52.92 0.71 44.03
N LEU A 122 51.70 1.22 43.87
CA LEU A 122 50.60 0.88 44.76
C LEU A 122 49.30 1.16 44.02
N SER A 123 48.19 0.64 44.53
CA SER A 123 46.91 0.89 43.90
C SER A 123 45.88 1.44 44.88
N TYR A 124 44.98 2.27 44.37
CA TYR A 124 43.91 2.81 45.20
C TYR A 124 42.61 2.09 44.86
N ASN A 125 41.50 2.60 45.38
CA ASN A 125 40.21 1.98 45.14
C ASN A 125 39.77 2.10 43.69
N THR A 126 39.08 1.07 43.20
CA THR A 126 38.56 1.02 41.84
C THR A 126 37.40 1.99 41.68
N SER A 127 37.34 2.67 40.54
CA SER A 127 36.27 3.63 40.27
C SER A 127 35.21 3.00 39.38
N THR A 128 34.05 3.63 39.32
CA THR A 128 32.94 3.12 38.53
C THR A 128 32.65 4.09 37.39
N MET A 129 32.51 3.54 36.19
CA MET A 129 32.14 4.33 35.02
C MET A 129 30.65 4.65 35.07
N THR A 130 30.28 5.91 34.88
CA THR A 130 28.87 6.27 34.74
C THR A 130 28.65 6.92 33.38
N THR A 131 27.57 6.52 32.70
CA THR A 131 27.33 7.02 31.35
C THR A 131 26.62 8.36 31.37
N GLN A 132 26.93 9.20 30.39
CA GLN A 132 26.22 10.44 30.18
C GLN A 132 25.17 10.25 29.09
N GLY A 133 25.09 9.04 28.57
CA GLY A 133 24.11 8.68 27.57
C GLY A 133 24.68 8.61 26.16
N SER A 134 23.88 8.15 25.21
CA SER A 134 24.29 8.08 23.82
C SER A 134 23.69 9.25 23.05
N GLY A 135 24.54 9.97 22.31
CA GLY A 135 24.06 11.12 21.55
C GLY A 135 23.68 10.77 20.12
N TYR A 136 22.65 11.45 19.61
CA TYR A 136 22.17 11.14 18.27
C TYR A 136 21.82 12.39 17.48
N THR A 137 21.88 12.24 16.17
CA THR A 137 21.41 13.27 15.24
CA THR A 137 21.43 13.26 15.22
C THR A 137 20.84 12.55 14.02
N TRP A 138 20.15 13.29 13.16
CA TRP A 138 19.67 12.71 11.91
C TRP A 138 20.04 13.57 10.72
N GLY A 139 20.30 12.94 9.58
CA GLY A 139 20.71 13.65 8.39
C GLY A 139 19.53 13.79 7.45
N ASN A 140 19.78 14.26 6.23
CA ASN A 140 18.71 14.47 5.24
CA ASN A 140 18.72 14.45 5.24
C ASN A 140 17.52 15.19 5.86
N GLY A 141 17.81 16.23 6.63
CA GLY A 141 16.78 16.97 7.33
C GLY A 141 15.78 17.57 6.36
N ALA A 142 14.52 17.54 6.72
CA ALA A 142 13.49 18.11 5.87
C ALA A 142 13.42 19.61 6.14
N GLN A 143 12.65 20.30 5.31
CA GLN A 143 12.52 21.75 5.48
C GLN A 143 11.09 22.21 5.23
N MET A 144 10.75 23.35 5.81
CA MET A 144 9.47 23.99 5.58
C MET A 144 9.67 25.37 4.98
N ASN A 145 8.90 25.69 3.95
CA ASN A 145 9.03 27.00 3.30
C ASN A 145 8.06 28.04 3.86
N GLY A 146 8.28 29.30 3.49
CA GLY A 146 7.44 30.39 3.96
C GLY A 146 5.98 30.22 3.57
N PHE A 147 5.75 29.64 2.40
CA PHE A 147 4.41 29.38 1.89
C PHE A 147 3.61 28.54 2.89
N PHE A 148 4.25 27.51 3.44
CA PHE A 148 3.61 26.65 4.43
C PHE A 148 3.55 27.32 5.80
N ALA A 149 4.66 27.92 6.22
CA ALA A 149 4.75 28.61 7.51
C ALA A 149 3.61 29.62 7.71
N LYS A 150 3.35 30.39 6.66
CA LYS A 150 2.35 31.44 6.72
C LYS A 150 0.92 30.89 6.77
N LYS A 151 0.77 29.60 6.51
CA LYS A 151 -0.52 28.92 6.66
C LYS A 151 -0.70 28.45 8.10
N GLY A 152 0.33 28.66 8.91
CA GLY A 152 0.30 28.18 10.28
C GLY A 152 0.73 26.73 10.37
N TYR A 153 1.40 26.24 9.33
CA TYR A 153 1.86 24.85 9.31
C TYR A 153 3.13 24.69 10.14
N GLY A 154 3.48 23.45 10.43
CA GLY A 154 4.68 23.17 11.20
C GLY A 154 5.53 22.10 10.55
N LEU A 155 6.83 22.13 10.85
CA LEU A 155 7.75 21.11 10.36
C LEU A 155 7.90 20.09 11.47
N THR A 156 7.56 18.85 11.16
CA THR A 156 7.45 17.83 12.20
C THR A 156 8.27 16.58 11.91
N SER A 157 8.99 16.12 12.92
CA SER A 157 9.73 14.86 12.84
C SER A 157 9.29 13.96 13.98
N SER A 158 9.25 12.66 13.72
CA SER A 158 8.87 11.70 14.75
C SER A 158 9.68 10.43 14.65
N TRP A 159 9.91 9.80 15.81
CA TRP A 159 10.65 8.56 15.88
C TRP A 159 10.29 7.82 17.16
N THR A 160 10.70 6.56 17.26
CA THR A 160 10.45 5.77 18.46
C THR A 160 11.76 5.23 19.03
N VAL A 161 11.76 4.96 20.34
CA VAL A 161 12.92 4.41 21.02
C VAL A 161 12.48 3.28 21.94
N PRO A 162 13.05 2.09 21.76
CA PRO A 162 12.67 0.93 22.57
C PRO A 162 13.09 1.08 24.04
N ILE A 163 12.30 0.54 24.94
CA ILE A 163 12.62 0.57 26.37
C ILE A 163 13.04 -0.82 26.82
N THR A 164 14.21 -0.92 27.44
CA THR A 164 14.75 -2.22 27.84
C THR A 164 15.01 -2.34 29.34
N GLY A 165 14.68 -1.29 30.09
CA GLY A 165 14.90 -1.29 31.52
C GLY A 165 14.31 -0.06 32.19
N THR A 166 14.80 0.25 33.39
CA THR A 166 14.18 1.29 34.22
C THR A 166 14.63 2.71 33.87
N ASP A 167 15.89 2.86 33.48
CA ASP A 167 16.43 4.18 33.17
C ASP A 167 16.04 4.65 31.77
N THR A 168 14.97 5.42 31.68
CA THR A 168 14.50 5.93 30.40
C THR A 168 14.72 7.43 30.30
N SER A 169 15.77 7.90 30.95
CA SER A 169 16.12 9.31 30.91
C SER A 169 16.56 9.72 29.51
N PHE A 170 16.41 11.00 29.21
CA PHE A 170 16.84 11.54 27.92
C PHE A 170 16.96 13.05 27.99
N THR A 171 17.69 13.62 27.04
CA THR A 171 17.67 15.06 26.84
C THR A 171 17.45 15.33 25.37
N PHE A 172 16.78 16.43 25.06
CA PHE A 172 16.51 16.82 23.69
C PHE A 172 16.80 18.29 23.50
N THR A 173 17.50 18.63 22.44
CA THR A 173 17.83 20.02 22.13
C THR A 173 17.17 20.43 20.83
N PRO A 174 16.18 21.34 20.92
CA PRO A 174 15.45 21.79 19.74
C PRO A 174 16.35 22.61 18.81
N TYR A 175 16.04 22.59 17.52
CA TYR A 175 16.88 23.25 16.53
C TYR A 175 16.03 23.79 15.38
N ALA A 176 16.38 24.98 14.93
CA ALA A 176 15.75 25.60 13.77
C ALA A 176 16.71 26.61 13.18
N ALA A 177 16.85 26.59 11.86
CA ALA A 177 17.76 27.49 11.16
C ALA A 177 17.33 27.63 9.72
N ARG A 178 17.59 28.80 9.13
CA ARG A 178 17.33 28.97 7.71
C ARG A 178 18.28 28.08 6.89
N THR A 179 17.80 27.62 5.75
CA THR A 179 18.49 26.61 4.96
C THR A 179 19.84 27.05 4.38
N ASP A 180 20.07 28.36 4.25
CA ASP A 180 21.33 28.85 3.70
C ASP A 180 22.28 29.30 4.81
N ARG A 181 21.92 29.03 6.05
CA ARG A 181 22.75 29.33 7.21
C ARG A 181 22.38 28.38 8.34
N ILE A 182 22.74 27.11 8.16
CA ILE A 182 22.32 26.05 9.07
C ILE A 182 22.96 26.20 10.44
N GLY A 183 24.05 26.93 10.51
CA GLY A 183 24.84 27.04 11.74
C GLY A 183 24.22 27.88 12.84
N ILE A 184 23.30 28.77 12.48
CA ILE A 184 22.69 29.67 13.45
C ILE A 184 21.36 29.11 13.96
N ASN A 185 21.38 28.55 15.17
CA ASN A 185 20.20 27.98 15.80
C ASN A 185 19.29 29.05 16.40
N TYR A 186 18.07 29.14 15.88
CA TYR A 186 17.07 30.11 16.36
C TYR A 186 16.67 29.91 17.82
N PHE A 187 16.91 28.72 18.36
CA PHE A 187 16.60 28.43 19.75
C PHE A 187 17.82 28.64 20.65
N ASN A 188 19.00 28.65 20.05
CA ASN A 188 20.25 29.02 20.72
C ASN A 188 20.61 28.25 22.00
N GLY A 189 19.90 27.16 22.29
CA GLY A 189 20.21 26.35 23.45
C GLY A 189 19.33 26.57 24.66
N GLY A 190 18.42 27.54 24.57
CA GLY A 190 17.54 27.87 25.68
C GLY A 190 16.66 26.73 26.15
N GLY A 191 15.62 26.43 25.39
CA GLY A 191 14.61 25.46 25.80
C GLY A 191 15.02 24.01 25.65
N LYS A 192 16.06 23.60 26.36
CA LYS A 192 16.48 22.21 26.35
C LYS A 192 15.51 21.36 27.17
N VAL A 193 15.17 20.17 26.66
CA VAL A 193 14.26 19.30 27.39
C VAL A 193 15.06 18.22 28.09
N VAL A 194 14.89 18.11 29.40
CA VAL A 194 15.64 17.14 30.18
C VAL A 194 14.69 16.29 31.01
N GLU A 195 14.85 14.98 30.94
CA GLU A 195 13.96 14.10 31.67
C GLU A 195 14.73 13.02 32.43
N SER A 196 14.46 12.98 33.73
CA SER A 196 15.00 12.01 34.67
C SER A 196 14.08 10.77 34.65
N SER A 197 14.36 9.68 35.39
CA SER A 197 15.42 9.54 36.39
C SER A 197 16.80 9.29 35.77
N ASN B 23 18.03 -18.32 -0.74
CA ASN B 23 18.85 -18.89 -1.79
C ASN B 23 18.43 -18.47 -3.20
N ILE B 24 17.14 -18.52 -3.49
CA ILE B 24 16.62 -18.04 -4.77
C ILE B 24 15.36 -17.18 -4.64
N ALA B 25 15.39 -16.00 -5.23
CA ALA B 25 14.17 -15.20 -5.36
C ALA B 25 13.98 -14.76 -6.80
N LYS B 26 12.83 -15.13 -7.36
CA LYS B 26 12.47 -14.73 -8.72
C LYS B 26 11.45 -13.60 -8.65
N SER B 27 11.33 -12.85 -9.73
CA SER B 27 10.23 -11.89 -9.85
C SER B 27 9.96 -11.66 -11.33
N GLU B 28 8.78 -11.14 -11.63
CA GLU B 28 8.40 -10.85 -13.00
C GLU B 28 7.73 -9.49 -13.03
N THR B 29 8.14 -8.65 -13.98
CA THR B 29 7.66 -7.28 -14.03
C THR B 29 7.14 -6.91 -15.40
N LYS B 30 5.96 -6.31 -15.43
CA LYS B 30 5.36 -5.82 -16.65
C LYS B 30 5.07 -4.34 -16.53
N VAL B 31 5.39 -3.58 -17.58
CA VAL B 31 5.14 -2.14 -17.57
C VAL B 31 4.20 -1.83 -18.73
N TYR B 32 3.03 -1.28 -18.40
CA TYR B 32 2.04 -0.93 -19.39
C TYR B 32 1.95 0.58 -19.49
N THR B 33 1.96 1.11 -20.70
CA THR B 33 1.77 2.54 -20.89
C THR B 33 0.67 2.79 -21.90
N GLY B 34 0.12 4.00 -21.88
CA GLY B 34 -0.91 4.41 -22.80
C GLY B 34 -1.11 5.90 -22.67
N GLU B 35 -2.08 6.46 -23.41
CA GLU B 35 -2.31 7.90 -23.35
C GLU B 35 -3.76 8.33 -23.53
N GLY B 36 -4.03 9.58 -23.18
CA GLY B 36 -5.33 10.18 -23.33
C GLY B 36 -5.12 11.65 -23.62
N VAL B 37 -6.18 12.44 -23.47
CA VAL B 37 -6.09 13.87 -23.76
C VAL B 37 -6.67 14.72 -22.63
N ASP B 38 -5.91 15.72 -22.20
CA ASP B 38 -6.40 16.72 -21.27
C ASP B 38 -7.28 17.68 -22.06
N SER B 39 -8.58 17.64 -21.82
CA SER B 39 -9.54 18.42 -22.58
C SER B 39 -9.33 19.93 -22.43
N VAL B 40 -8.93 20.35 -21.22
CA VAL B 40 -8.80 21.77 -20.92
C VAL B 40 -7.62 22.40 -21.67
N TYR B 41 -6.47 21.75 -21.65
CA TYR B 41 -5.29 22.30 -22.30
C TYR B 41 -4.98 21.65 -23.65
N ARG B 42 -5.83 20.70 -24.03
CA ARG B 42 -5.74 20.01 -25.32
C ARG B 42 -4.33 19.51 -25.62
N VAL B 43 -3.77 18.76 -24.67
CA VAL B 43 -2.45 18.18 -24.80
C VAL B 43 -2.54 16.70 -24.44
N PRO B 44 -1.57 15.89 -24.88
CA PRO B 44 -1.56 14.49 -24.47
C PRO B 44 -1.32 14.34 -22.96
N ILE B 45 -2.00 13.38 -22.35
CA ILE B 45 -1.67 12.99 -20.98
C ILE B 45 -1.36 11.50 -21.02
N TYR B 46 -0.44 11.04 -20.18
CA TYR B 46 0.04 9.67 -20.26
C TYR B 46 -0.11 8.97 -18.91
N TYR B 47 -0.21 7.65 -18.95
CA TYR B 47 -0.14 6.84 -17.74
C TYR B 47 0.92 5.75 -17.85
N LYS B 48 1.41 5.30 -16.70
CA LYS B 48 2.31 4.16 -16.65
C LYS B 48 1.88 3.26 -15.50
N LEU B 49 1.74 1.98 -15.80
CA LEU B 49 1.42 1.01 -14.77
C LEU B 49 2.49 -0.08 -14.72
N LYS B 50 3.17 -0.17 -13.58
CA LYS B 50 4.17 -1.19 -13.37
C LYS B 50 3.61 -2.24 -12.43
N VAL B 51 3.68 -3.50 -12.84
CA VAL B 51 3.16 -4.59 -12.02
C VAL B 51 4.23 -5.65 -11.82
N THR B 52 4.58 -5.90 -10.56
CA THR B 52 5.62 -6.86 -10.23
C THR B 52 5.07 -8.06 -9.47
N ASN B 53 5.44 -9.25 -9.92
CA ASN B 53 5.01 -10.51 -9.31
C ASN B 53 6.22 -11.17 -8.66
N ASP B 54 6.21 -11.30 -7.34
CA ASP B 54 7.32 -11.93 -6.63
C ASP B 54 6.99 -13.32 -6.13
N GLY B 55 5.84 -13.84 -6.57
CA GLY B 55 5.39 -15.16 -6.17
C GLY B 55 4.48 -15.12 -4.96
N SER B 56 4.72 -14.17 -4.07
CA SER B 56 3.92 -14.02 -2.86
C SER B 56 2.87 -12.94 -3.03
N LYS B 57 3.16 -11.93 -3.85
CA LYS B 57 2.26 -10.80 -4.03
C LYS B 57 2.47 -10.07 -5.34
N LEU B 58 1.43 -9.38 -5.82
CA LEU B 58 1.58 -8.43 -6.92
C LEU B 58 1.82 -7.05 -6.33
N THR B 59 2.74 -6.30 -6.93
CA THR B 59 2.96 -4.93 -6.51
C THR B 59 2.64 -4.00 -7.68
N PHE B 60 1.68 -3.11 -7.47
CA PHE B 60 1.23 -2.19 -8.50
C PHE B 60 1.80 -0.79 -8.26
N THR B 61 2.33 -0.18 -9.31
CA THR B 61 2.75 1.20 -9.25
C THR B 61 2.16 1.96 -10.44
N TYR B 62 1.32 2.92 -10.14
CA TYR B 62 0.47 3.59 -11.13
C TYR B 62 0.75 5.08 -11.19
N THR B 63 1.21 5.56 -12.34
CA THR B 63 1.63 6.95 -12.48
C THR B 63 0.87 7.68 -13.59
N VAL B 64 0.44 8.90 -13.29
CA VAL B 64 -0.15 9.79 -14.30
C VAL B 64 0.76 11.00 -14.49
N THR B 65 1.09 11.32 -15.74
CA THR B 65 2.04 12.39 -16.02
C THR B 65 1.83 12.99 -17.41
N TYR B 66 2.36 14.20 -17.61
CA TYR B 66 2.29 14.85 -18.91
C TYR B 66 3.57 14.60 -19.68
N VAL B 67 4.46 13.79 -19.10
CA VAL B 67 5.69 13.39 -19.76
C VAL B 67 5.50 12.09 -20.52
N ASN B 68 5.83 12.10 -21.80
CA ASN B 68 5.75 10.89 -22.64
C ASN B 68 6.75 9.86 -22.14
N PRO B 69 6.25 8.68 -21.75
CA PRO B 69 7.07 7.59 -21.21
C PRO B 69 8.12 7.09 -22.21
N LYS B 70 7.79 7.19 -23.50
CA LYS B 70 8.69 6.72 -24.55
C LYS B 70 9.83 7.71 -24.83
N THR B 71 9.49 8.99 -24.91
CA THR B 71 10.46 10.01 -25.32
C THR B 71 11.06 10.78 -24.14
N ASN B 72 10.46 10.63 -22.95
CA ASN B 72 10.88 11.36 -21.76
C ASN B 72 10.77 12.88 -21.93
N ASP B 73 9.92 13.30 -22.86
CA ASP B 73 9.74 14.72 -23.12
C ASP B 73 8.41 15.21 -22.56
N LEU B 74 8.45 16.32 -21.85
CA LEU B 74 7.24 16.93 -21.31
C LEU B 74 6.47 17.61 -22.44
N GLY B 75 5.16 17.40 -22.48
CA GLY B 75 4.32 18.07 -23.45
C GLY B 75 4.31 19.58 -23.26
N ASN B 76 3.75 20.31 -24.21
CA ASN B 76 3.71 21.76 -24.11
C ASN B 76 2.58 22.22 -23.20
N ILE B 77 2.89 22.38 -21.92
CA ILE B 77 1.92 22.84 -20.94
C ILE B 77 2.43 24.08 -20.20
N SER B 78 3.18 24.92 -20.92
CA SER B 78 3.73 26.14 -20.35
C SER B 78 2.62 27.10 -19.92
N SER B 79 1.46 26.95 -20.55
CA SER B 79 0.31 27.81 -20.28
C SER B 79 -0.56 27.27 -19.16
N MET B 80 -0.15 26.14 -18.58
CA MET B 80 -0.92 25.54 -17.49
C MET B 80 -0.77 26.35 -16.21
N ARG B 81 -1.91 26.71 -15.62
CA ARG B 81 -1.90 27.51 -14.41
C ARG B 81 -1.55 26.63 -13.21
N PRO B 82 -0.86 27.21 -12.21
CA PRO B 82 -0.38 26.45 -11.05
C PRO B 82 -1.50 25.89 -10.19
N GLY B 83 -2.68 26.46 -10.29
CA GLY B 83 -3.81 26.04 -9.49
C GLY B 83 -4.60 24.95 -10.17
N TYR B 84 -4.29 24.69 -11.43
CA TYR B 84 -4.91 23.58 -12.17
C TYR B 84 -4.52 22.29 -11.47
N SER B 85 -5.50 21.42 -11.24
CA SER B 85 -5.23 20.17 -10.52
C SER B 85 -5.99 19.00 -11.11
N ILE B 86 -5.38 17.82 -11.08
CA ILE B 86 -6.01 16.62 -11.60
C ILE B 86 -5.99 15.46 -10.61
N TYR B 87 -7.01 14.61 -10.70
CA TYR B 87 -7.05 13.36 -9.94
C TYR B 87 -6.49 12.24 -10.81
N ASN B 88 -6.03 11.17 -10.16
CA ASN B 88 -5.60 9.98 -10.88
C ASN B 88 -6.57 8.83 -10.64
N SER B 89 -7.72 9.16 -10.05
CA SER B 89 -8.74 8.17 -9.75
C SER B 89 -10.14 8.79 -9.79
N GLY B 90 -11.16 7.95 -9.91
CA GLY B 90 -12.52 8.43 -10.05
C GLY B 90 -13.39 8.27 -8.81
N THR B 91 -14.71 8.26 -9.03
CA THR B 91 -15.67 8.15 -7.93
C THR B 91 -15.71 6.74 -7.36
N SER B 92 -16.49 6.55 -6.30
CA SER B 92 -16.58 5.27 -5.61
C SER B 92 -17.26 4.19 -6.44
N THR B 93 -17.85 4.57 -7.56
CA THR B 93 -18.57 3.62 -8.40
C THR B 93 -17.85 3.34 -9.72
N GLN B 94 -16.77 4.07 -9.98
CA GLN B 94 -16.02 3.88 -11.21
C GLN B 94 -14.86 2.93 -10.95
N THR B 95 -15.12 1.64 -11.16
CA THR B 95 -14.15 0.58 -10.87
C THR B 95 -12.86 0.79 -11.64
N MET B 96 -11.74 0.71 -10.93
CA MET B 96 -10.45 0.93 -11.55
C MET B 96 -9.61 -0.35 -11.57
N LEU B 97 -9.89 -1.25 -10.63
CA LEU B 97 -9.14 -2.49 -10.54
C LEU B 97 -10.06 -3.69 -10.36
N THR B 98 -9.85 -4.72 -11.17
CA THR B 98 -10.53 -6.00 -11.02
C THR B 98 -9.47 -7.08 -10.85
N LEU B 99 -9.65 -7.94 -9.86
CA LEU B 99 -8.63 -8.92 -9.50
C LEU B 99 -9.12 -10.34 -9.74
N GLY B 100 -8.21 -11.23 -10.15
CA GLY B 100 -8.57 -12.61 -10.40
C GLY B 100 -8.91 -13.37 -9.13
N SER B 101 -9.31 -14.63 -9.29
CA SER B 101 -9.86 -15.40 -8.19
C SER B 101 -8.83 -15.81 -7.13
N ASP B 102 -7.57 -15.88 -7.54
CA ASP B 102 -6.51 -16.27 -6.61
C ASP B 102 -5.74 -15.07 -6.07
N LEU B 103 -6.32 -13.88 -6.20
CA LEU B 103 -5.74 -12.68 -5.61
C LEU B 103 -6.52 -12.28 -4.37
N GLY B 104 -5.79 -11.95 -3.31
CA GLY B 104 -6.40 -11.64 -2.02
C GLY B 104 -6.85 -10.20 -1.87
N LYS B 105 -6.86 -9.73 -0.63
CA LYS B 105 -7.31 -8.39 -0.31
C LYS B 105 -6.18 -7.37 -0.47
N PRO B 106 -6.41 -6.34 -1.32
CA PRO B 106 -5.43 -5.29 -1.60
C PRO B 106 -5.01 -4.53 -0.34
N SER B 107 -3.78 -4.02 -0.34
CA SER B 107 -3.29 -3.22 0.78
C SER B 107 -3.85 -1.80 0.70
N GLY B 108 -3.41 -0.94 1.61
CA GLY B 108 -3.71 0.48 1.50
C GLY B 108 -3.00 1.03 0.28
N VAL B 109 -3.51 2.13 -0.27
CA VAL B 109 -2.90 2.73 -1.45
C VAL B 109 -2.05 3.95 -1.06
N LYS B 110 -0.75 3.83 -1.26
CA LYS B 110 0.15 4.95 -1.02
C LYS B 110 0.00 5.98 -2.13
N ASN B 111 -0.09 7.25 -1.77
CA ASN B 111 -0.19 8.32 -2.76
C ASN B 111 0.99 9.26 -2.61
N TYR B 112 1.66 9.54 -3.71
CA TYR B 112 2.84 10.39 -3.66
C TYR B 112 3.16 11.03 -5.00
N ILE B 113 4.01 12.04 -4.97
CA ILE B 113 4.43 12.73 -6.18
C ILE B 113 5.81 12.21 -6.54
N THR B 114 5.97 11.83 -7.80
CA THR B 114 7.24 11.31 -8.28
C THR B 114 7.84 12.30 -9.26
N ASP B 115 9.16 12.37 -9.32
CA ASP B 115 9.80 13.28 -10.25
C ASP B 115 9.86 12.65 -11.64
N LYS B 116 10.61 13.29 -12.53
CA LYS B 116 10.70 12.86 -13.92
C LYS B 116 11.36 11.49 -14.01
N ASN B 117 12.13 11.12 -12.98
CA ASN B 117 12.83 9.85 -12.97
C ASN B 117 12.15 8.80 -12.10
N GLY B 118 10.94 9.08 -11.64
CA GLY B 118 10.19 8.13 -10.85
C GLY B 118 10.57 8.14 -9.38
N ARG B 119 11.42 9.09 -9.01
CA ARG B 119 11.90 9.22 -7.64
C ARG B 119 10.83 9.92 -6.81
N GLN B 120 10.63 9.47 -5.57
CA GLN B 120 9.64 10.09 -4.70
C GLN B 120 10.06 11.49 -4.27
N VAL B 121 9.17 12.47 -4.49
CA VAL B 121 9.43 13.84 -4.08
C VAL B 121 8.77 14.11 -2.72
N LEU B 122 7.51 13.73 -2.61
CA LEU B 122 6.78 13.85 -1.34
C LEU B 122 5.62 12.87 -1.37
N SER B 123 5.02 12.61 -0.22
CA SER B 123 3.90 11.69 -0.16
C SER B 123 2.68 12.33 0.49
N TYR B 124 1.50 11.91 0.04
CA TYR B 124 0.24 12.38 0.61
C TYR B 124 -0.37 11.30 1.48
N ASN B 125 -1.61 11.51 1.90
CA ASN B 125 -2.29 10.54 2.74
C ASN B 125 -2.58 9.24 1.99
N THR B 126 -2.49 8.14 2.72
CA THR B 126 -2.76 6.80 2.18
C THR B 126 -4.26 6.61 1.96
N SER B 127 -4.62 5.98 0.86
CA SER B 127 -6.03 5.73 0.54
C SER B 127 -6.43 4.30 0.90
N THR B 128 -7.74 4.06 0.95
CA THR B 128 -8.25 2.73 1.29
C THR B 128 -9.01 2.13 0.11
N MET B 129 -8.73 0.87 -0.19
CA MET B 129 -9.43 0.14 -1.24
C MET B 129 -10.81 -0.31 -0.77
N THR B 130 -11.84 -0.05 -1.56
CA THR B 130 -13.19 -0.57 -1.29
C THR B 130 -13.66 -1.42 -2.47
N THR B 131 -14.26 -2.57 -2.18
CA THR B 131 -14.67 -3.51 -3.22
C THR B 131 -16.01 -3.16 -3.87
N GLN B 132 -16.15 -3.46 -5.15
CA GLN B 132 -17.45 -3.38 -5.83
C GLN B 132 -18.11 -4.75 -5.89
N GLY B 133 -17.43 -5.75 -5.34
CA GLY B 133 -17.96 -7.09 -5.32
C GLY B 133 -17.32 -8.03 -6.32
N SER B 134 -17.69 -9.31 -6.23
CA SER B 134 -17.16 -10.35 -7.12
C SER B 134 -18.11 -10.69 -8.26
N GLY B 135 -17.58 -10.70 -9.48
CA GLY B 135 -18.38 -10.99 -10.66
C GLY B 135 -18.36 -12.48 -10.99
N TYR B 136 -19.45 -12.99 -11.53
CA TYR B 136 -19.57 -14.43 -11.81
C TYR B 136 -20.24 -14.77 -13.14
N THR B 137 -19.99 -15.97 -13.64
CA THR B 137 -20.74 -16.50 -14.77
C THR B 137 -20.75 -18.01 -14.62
N TRP B 138 -21.64 -18.68 -15.34
CA TRP B 138 -21.62 -20.13 -15.35
C TRP B 138 -21.63 -20.66 -16.77
N GLY B 139 -20.98 -21.81 -16.96
CA GLY B 139 -20.87 -22.41 -18.28
C GLY B 139 -21.86 -23.55 -18.38
N ASN B 140 -21.75 -24.34 -19.44
CA ASN B 140 -22.62 -25.49 -19.66
C ASN B 140 -24.09 -25.10 -19.60
N GLY B 141 -24.42 -23.98 -20.24
CA GLY B 141 -25.77 -23.46 -20.22
C GLY B 141 -26.77 -24.43 -20.82
N ALA B 142 -27.94 -24.52 -20.18
CA ALA B 142 -28.99 -25.40 -20.66
C ALA B 142 -29.80 -24.67 -21.73
N GLN B 143 -30.70 -25.38 -22.38
CA GLN B 143 -31.54 -24.78 -23.40
C GLN B 143 -32.96 -25.30 -23.35
N MET B 144 -33.90 -24.51 -23.85
CA MET B 144 -35.29 -24.95 -23.98
C MET B 144 -35.65 -24.95 -25.45
N ASN B 145 -36.28 -26.03 -25.90
CA ASN B 145 -36.64 -26.14 -27.29
C ASN B 145 -38.07 -25.67 -27.58
N GLY B 146 -38.40 -25.49 -28.86
CA GLY B 146 -39.71 -25.03 -29.27
C GLY B 146 -40.81 -25.99 -28.86
N PHE B 147 -40.49 -27.27 -28.88
CA PHE B 147 -41.41 -28.32 -28.46
C PHE B 147 -41.84 -28.07 -27.02
N PHE B 148 -40.89 -27.63 -26.19
CA PHE B 148 -41.16 -27.33 -24.80
C PHE B 148 -41.88 -25.98 -24.64
N ALA B 149 -41.40 -24.96 -25.35
CA ALA B 149 -41.99 -23.62 -25.30
C ALA B 149 -43.50 -23.59 -25.58
N LYS B 150 -43.95 -24.28 -26.63
CA LYS B 150 -45.38 -24.28 -26.98
C LYS B 150 -46.24 -25.03 -25.97
N LYS B 151 -45.61 -25.75 -25.06
CA LYS B 151 -46.34 -26.41 -23.98
C LYS B 151 -46.53 -25.42 -22.84
N GLY B 152 -45.96 -24.24 -23.01
CA GLY B 152 -46.00 -23.22 -21.97
C GLY B 152 -44.91 -23.43 -20.94
N TYR B 153 -43.88 -24.19 -21.31
CA TYR B 153 -42.79 -24.50 -20.40
C TYR B 153 -41.80 -23.35 -20.28
N GLY B 154 -40.93 -23.40 -19.27
CA GLY B 154 -39.92 -22.38 -19.09
C GLY B 154 -38.55 -22.97 -18.81
N LEU B 155 -37.50 -22.20 -19.13
CA LEU B 155 -36.14 -22.61 -18.85
C LEU B 155 -35.66 -21.95 -17.56
N THR B 156 -35.27 -22.77 -16.57
CA THR B 156 -34.99 -22.27 -15.23
C THR B 156 -33.63 -22.69 -14.66
N SER B 157 -32.92 -21.72 -14.07
CA SER B 157 -31.69 -21.99 -13.33
C SER B 157 -31.79 -21.46 -11.90
N SER B 158 -31.19 -22.18 -10.95
CA SER B 158 -31.24 -21.77 -9.55
C SER B 158 -29.93 -22.06 -8.82
N TRP B 159 -29.63 -21.24 -7.82
CA TRP B 159 -28.44 -21.40 -6.99
C TRP B 159 -28.61 -20.70 -5.66
N THR B 160 -27.70 -20.95 -4.73
CA THR B 160 -27.73 -20.30 -3.42
C THR B 160 -26.42 -19.55 -3.18
N VAL B 161 -26.47 -18.53 -2.33
CA VAL B 161 -25.31 -17.74 -1.96
C VAL B 161 -25.33 -17.52 -0.46
N PRO B 162 -24.27 -17.93 0.24
CA PRO B 162 -24.22 -17.79 1.70
C PRO B 162 -24.18 -16.34 2.11
N ILE B 163 -24.79 -16.03 3.25
CA ILE B 163 -24.79 -14.66 3.78
C ILE B 163 -23.86 -14.59 5.00
N THR B 164 -22.93 -13.65 4.99
CA THR B 164 -21.96 -13.54 6.06
C THR B 164 -22.07 -12.19 6.76
N GLY B 165 -23.01 -11.38 6.31
CA GLY B 165 -23.22 -10.06 6.88
C GLY B 165 -24.42 -9.30 6.33
N THR B 166 -24.36 -7.98 6.46
CA THR B 166 -25.48 -7.10 6.16
C THR B 166 -25.55 -6.73 4.68
N ASP B 167 -24.39 -6.60 4.03
CA ASP B 167 -24.35 -6.17 2.63
C ASP B 167 -24.68 -7.34 1.69
N THR B 168 -25.95 -7.43 1.33
CA THR B 168 -26.44 -8.49 0.46
C THR B 168 -26.85 -7.92 -0.89
N SER B 169 -26.20 -6.83 -1.30
CA SER B 169 -26.49 -6.19 -2.57
C SER B 169 -26.10 -7.06 -3.77
N PHE B 170 -26.77 -6.85 -4.90
CA PHE B 170 -26.46 -7.61 -6.10
C PHE B 170 -27.05 -6.97 -7.35
N THR B 171 -26.53 -7.34 -8.52
CA THR B 171 -27.19 -7.03 -9.79
C THR B 171 -27.24 -8.28 -10.68
N PHE B 172 -28.29 -8.42 -11.48
CA PHE B 172 -28.44 -9.56 -12.37
C PHE B 172 -28.93 -9.13 -13.76
N THR B 173 -28.34 -9.70 -14.80
CA THR B 173 -28.73 -9.39 -16.18
C THR B 173 -29.36 -10.58 -16.89
N PRO B 174 -30.68 -10.51 -17.17
CA PRO B 174 -31.40 -11.61 -17.83
C PRO B 174 -30.96 -11.78 -19.28
N TYR B 175 -31.07 -13.00 -19.79
CA TYR B 175 -30.55 -13.32 -21.12
C TYR B 175 -31.38 -14.38 -21.84
N ALA B 176 -31.56 -14.20 -23.14
CA ALA B 176 -32.22 -15.19 -23.99
C ALA B 176 -31.78 -15.01 -25.45
N ALA B 177 -31.44 -16.12 -26.09
CA ALA B 177 -31.00 -16.09 -27.47
C ALA B 177 -31.17 -17.47 -28.09
N ARG B 178 -31.44 -17.54 -29.38
CA ARG B 178 -31.51 -18.83 -30.06
C ARG B 178 -30.12 -19.48 -30.02
N THR B 179 -30.09 -20.80 -29.96
CA THR B 179 -28.87 -21.54 -29.71
C THR B 179 -27.82 -21.42 -30.83
N ASP B 180 -28.26 -21.04 -32.02
CA ASP B 180 -27.34 -20.89 -33.16
C ASP B 180 -26.97 -19.44 -33.42
N ARG B 181 -27.29 -18.55 -32.48
CA ARG B 181 -26.93 -17.14 -32.59
C ARG B 181 -26.83 -16.54 -31.18
N ILE B 182 -25.77 -16.93 -30.48
CA ILE B 182 -25.62 -16.64 -29.05
C ILE B 182 -25.46 -15.15 -28.71
N GLY B 183 -24.99 -14.35 -29.65
CA GLY B 183 -24.67 -12.96 -29.36
C GLY B 183 -25.85 -12.02 -29.18
N ILE B 184 -27.00 -12.39 -29.74
CA ILE B 184 -28.16 -11.51 -29.71
C ILE B 184 -29.15 -11.81 -28.58
N ASN B 185 -29.11 -10.99 -27.53
CA ASN B 185 -30.00 -11.10 -26.39
C ASN B 185 -31.38 -10.54 -26.70
N TYR B 186 -32.41 -11.40 -26.61
CA TYR B 186 -33.79 -10.96 -26.82
C TYR B 186 -34.22 -9.92 -25.79
N PHE B 187 -33.48 -9.87 -24.67
CA PHE B 187 -33.72 -8.91 -23.60
C PHE B 187 -32.79 -7.71 -23.78
N ASN B 188 -31.77 -7.90 -24.62
CA ASN B 188 -30.80 -6.86 -25.01
C ASN B 188 -29.97 -6.21 -23.90
N GLY B 189 -30.55 -6.00 -22.73
CA GLY B 189 -29.80 -5.40 -21.64
C GLY B 189 -30.62 -4.35 -20.93
N GLY B 190 -31.82 -4.11 -21.44
CA GLY B 190 -32.74 -3.13 -20.89
C GLY B 190 -33.04 -3.41 -19.45
N GLY B 191 -33.84 -4.44 -19.19
CA GLY B 191 -34.33 -4.73 -17.87
C GLY B 191 -33.30 -5.39 -16.97
N LYS B 192 -32.19 -4.69 -16.74
CA LYS B 192 -31.18 -5.16 -15.80
C LYS B 192 -31.68 -4.97 -14.38
N VAL B 193 -31.40 -5.94 -13.52
CA VAL B 193 -31.86 -5.88 -12.14
C VAL B 193 -30.74 -5.42 -11.21
N VAL B 194 -30.99 -4.37 -10.44
CA VAL B 194 -29.99 -3.82 -9.52
C VAL B 194 -30.61 -3.73 -8.12
N GLU B 195 -29.92 -4.27 -7.12
CA GLU B 195 -30.49 -4.32 -5.78
C GLU B 195 -29.53 -3.90 -4.66
N SER B 196 -29.98 -2.95 -3.85
CA SER B 196 -29.27 -2.49 -2.67
C SER B 196 -29.70 -3.41 -1.51
N SER B 197 -29.15 -3.30 -0.30
CA SER B 197 -28.19 -2.29 0.15
C SER B 197 -26.79 -2.57 -0.32
N ASN C 23 -40.79 -19.13 19.00
CA ASN C 23 -39.88 -19.38 17.89
C ASN C 23 -40.31 -18.68 16.60
N ILE C 24 -39.62 -17.61 16.24
CA ILE C 24 -39.89 -16.91 14.98
C ILE C 24 -38.91 -17.20 13.85
N ALA C 25 -39.41 -17.67 12.69
CA ALA C 25 -38.62 -17.75 11.46
C ALA C 25 -38.89 -16.58 10.50
N LYS C 26 -37.84 -15.88 10.07
CA LYS C 26 -38.00 -14.79 9.10
C LYS C 26 -37.56 -15.20 7.69
N SER C 27 -38.17 -14.59 6.67
CA SER C 27 -37.67 -14.69 5.30
C SER C 27 -38.12 -13.46 4.51
N GLU C 28 -37.43 -13.16 3.42
CA GLU C 28 -37.76 -12.02 2.57
C GLU C 28 -37.59 -12.45 1.11
N THR C 29 -38.55 -12.10 0.26
CA THR C 29 -38.53 -12.56 -1.12
C THR C 29 -38.66 -11.40 -2.10
N LYS C 30 -37.81 -11.40 -3.13
CA LYS C 30 -37.82 -10.37 -4.14
C LYS C 30 -38.04 -11.01 -5.52
N VAL C 31 -39.00 -10.48 -6.28
CA VAL C 31 -39.27 -11.00 -7.62
C VAL C 31 -39.18 -9.91 -8.67
N TYR C 32 -38.30 -10.11 -9.65
CA TYR C 32 -38.17 -9.15 -10.74
C TYR C 32 -38.69 -9.79 -12.01
N THR C 33 -39.55 -9.09 -12.74
CA THR C 33 -40.02 -9.58 -14.04
C THR C 33 -39.84 -8.49 -15.09
N GLY C 34 -39.87 -8.89 -16.35
CA GLY C 34 -39.74 -7.96 -17.45
C GLY C 34 -40.02 -8.68 -18.75
N GLU C 35 -39.83 -8.00 -19.86
CA GLU C 35 -40.08 -8.62 -21.15
C GLU C 35 -39.11 -8.14 -22.22
N GLY C 36 -39.07 -8.90 -23.31
CA GLY C 36 -38.27 -8.57 -24.46
C GLY C 36 -39.01 -9.08 -25.67
N VAL C 37 -38.33 -9.19 -26.80
CA VAL C 37 -38.98 -9.62 -28.02
C VAL C 37 -38.16 -10.73 -28.66
N ASP C 38 -38.82 -11.83 -29.02
CA ASP C 38 -38.17 -12.85 -29.81
C ASP C 38 -38.16 -12.32 -31.23
N SER C 39 -36.97 -11.94 -31.70
CA SER C 39 -36.83 -11.31 -33.01
C SER C 39 -37.26 -12.24 -34.14
N VAL C 40 -36.99 -13.53 -33.94
CA VAL C 40 -37.27 -14.54 -34.96
C VAL C 40 -38.76 -14.71 -35.20
N TYR C 41 -39.54 -14.83 -34.13
CA TYR C 41 -40.98 -15.05 -34.25
C TYR C 41 -41.80 -13.80 -33.99
N ARG C 42 -41.10 -12.70 -33.73
CA ARG C 42 -41.72 -11.40 -33.53
C ARG C 42 -42.82 -11.48 -32.47
N VAL C 43 -42.46 -12.06 -31.32
CA VAL C 43 -43.38 -12.21 -30.20
C VAL C 43 -42.72 -11.76 -28.90
N PRO C 44 -43.54 -11.48 -27.87
CA PRO C 44 -42.98 -11.17 -26.55
C PRO C 44 -42.23 -12.35 -25.95
N ILE C 45 -41.12 -12.07 -25.28
CA ILE C 45 -40.41 -13.06 -24.48
C ILE C 45 -40.31 -12.50 -23.06
N TYR C 46 -40.37 -13.36 -22.05
CA TYR C 46 -40.41 -12.87 -20.67
C TYR C 46 -39.30 -13.49 -19.81
N TYR C 47 -38.89 -12.77 -18.78
CA TYR C 47 -38.00 -13.33 -17.76
C TYR C 47 -38.60 -13.15 -16.37
N LYS C 48 -38.19 -14.02 -15.45
CA LYS C 48 -38.55 -13.86 -14.05
C LYS C 48 -37.34 -14.21 -13.18
N LEU C 49 -37.02 -13.33 -12.23
CA LEU C 49 -35.96 -13.60 -11.27
C LEU C 49 -36.50 -13.51 -9.84
N LYS C 50 -36.47 -14.63 -9.14
CA LYS C 50 -36.93 -14.70 -7.76
C LYS C 50 -35.75 -14.85 -6.80
N VAL C 51 -35.68 -13.97 -5.80
CA VAL C 51 -34.59 -14.00 -4.83
C VAL C 51 -35.14 -14.05 -3.41
N THR C 52 -34.79 -15.11 -2.67
CA THR C 52 -35.27 -15.27 -1.31
C THR C 52 -34.14 -15.22 -0.29
N ASN C 53 -34.33 -14.43 0.76
CA ASN C 53 -33.36 -14.24 1.84
C ASN C 53 -33.91 -14.83 3.14
N ASP C 54 -33.25 -15.87 3.65
CA ASP C 54 -33.68 -16.51 4.89
C ASP C 54 -32.77 -16.18 6.07
N GLY C 55 -31.86 -15.24 5.88
CA GLY C 55 -30.92 -14.85 6.92
C GLY C 55 -29.59 -15.57 6.84
N SER C 56 -29.61 -16.83 6.41
CA SER C 56 -28.39 -17.62 6.27
C SER C 56 -27.88 -17.65 4.84
N LYS C 57 -28.79 -17.56 3.88
CA LYS C 57 -28.42 -17.64 2.46
C LYS C 57 -29.44 -16.95 1.58
N LEU C 58 -28.99 -16.53 0.39
CA LEU C 58 -29.87 -16.07 -0.66
C LEU C 58 -30.18 -17.24 -1.59
N THR C 59 -31.42 -17.35 -2.04
CA THR C 59 -31.78 -18.37 -3.02
C THR C 59 -32.28 -17.67 -4.27
N PHE C 60 -31.62 -17.93 -5.40
CA PHE C 60 -31.98 -17.31 -6.67
C PHE C 60 -32.72 -18.31 -7.54
N THR C 61 -33.84 -17.90 -8.15
CA THR C 61 -34.51 -18.72 -9.13
C THR C 61 -34.82 -17.90 -10.39
N TYR C 62 -34.24 -18.30 -11.51
CA TYR C 62 -34.25 -17.51 -12.74
C TYR C 62 -34.89 -18.29 -13.90
N THR C 63 -36.00 -17.77 -14.40
CA THR C 63 -36.82 -18.44 -15.40
C THR C 63 -37.06 -17.61 -16.67
N VAL C 64 -36.93 -18.27 -17.82
CA VAL C 64 -37.27 -17.68 -19.12
C VAL C 64 -38.46 -18.41 -19.75
N THR C 65 -39.48 -17.68 -20.20
CA THR C 65 -40.70 -18.31 -20.75
C THR C 65 -41.46 -17.39 -21.71
N TYR C 66 -42.34 -17.98 -22.53
CA TYR C 66 -43.15 -17.20 -23.47
C TYR C 66 -44.54 -16.95 -22.89
N VAL C 67 -44.71 -17.36 -21.64
CA VAL C 67 -45.94 -17.14 -20.91
C VAL C 67 -45.85 -15.81 -20.18
N ASN C 68 -46.83 -14.94 -20.41
CA ASN C 68 -46.88 -13.65 -19.73
C ASN C 68 -47.04 -13.82 -18.24
N PRO C 69 -46.08 -13.31 -17.45
CA PRO C 69 -46.09 -13.43 -15.99
C PRO C 69 -47.30 -12.71 -15.40
N LYS C 70 -47.75 -11.67 -16.08
CA LYS C 70 -48.88 -10.87 -15.61
C LYS C 70 -50.23 -11.53 -15.92
N THR C 71 -50.39 -12.03 -17.15
CA THR C 71 -51.68 -12.54 -17.59
C THR C 71 -51.79 -14.07 -17.56
N ASN C 72 -50.65 -14.75 -17.40
CA ASN C 72 -50.60 -16.21 -17.42
C ASN C 72 -51.04 -16.83 -18.74
N ASP C 73 -50.98 -16.03 -19.80
CA ASP C 73 -51.36 -16.48 -21.14
C ASP C 73 -50.13 -16.69 -22.02
N LEU C 74 -50.09 -17.81 -22.71
CA LEU C 74 -49.01 -18.11 -23.65
C LEU C 74 -49.15 -17.25 -24.91
N GLY C 75 -48.06 -16.65 -25.34
CA GLY C 75 -48.05 -15.89 -26.57
C GLY C 75 -48.33 -16.75 -27.80
N ASN C 76 -48.61 -16.11 -28.93
CA ASN C 76 -48.89 -16.84 -30.15
C ASN C 76 -47.61 -17.29 -30.85
N ILE C 77 -47.20 -18.52 -30.56
CA ILE C 77 -45.99 -19.09 -31.16
C ILE C 77 -46.33 -20.39 -31.88
N SER C 78 -47.50 -20.43 -32.50
CA SER C 78 -47.96 -21.62 -33.21
C SER C 78 -47.04 -21.95 -34.38
N SER C 79 -46.32 -20.94 -34.87
CA SER C 79 -45.41 -21.14 -36.00
C SER C 79 -44.02 -21.56 -35.54
N MET C 80 -43.82 -21.69 -34.23
CA MET C 80 -42.52 -22.08 -33.71
C MET C 80 -42.29 -23.57 -33.94
N ARG C 81 -41.19 -23.89 -34.64
CA ARG C 81 -40.84 -25.27 -34.96
C ARG C 81 -40.18 -25.97 -33.78
N PRO C 82 -40.35 -27.30 -33.70
CA PRO C 82 -39.82 -28.10 -32.58
C PRO C 82 -38.29 -28.12 -32.49
N GLY C 83 -37.56 -27.80 -33.55
CA GLY C 83 -36.11 -27.88 -33.47
C GLY C 83 -35.48 -26.58 -32.98
N TYR C 84 -36.30 -25.54 -32.90
CA TYR C 84 -35.89 -24.25 -32.38
C TYR C 84 -35.51 -24.36 -30.90
N SER C 85 -34.36 -23.79 -30.53
CA SER C 85 -33.86 -23.86 -29.16
C SER C 85 -33.20 -22.56 -28.71
N ILE C 86 -33.36 -22.22 -27.42
CA ILE C 86 -32.77 -21.00 -26.87
C ILE C 86 -31.97 -21.20 -25.57
N TYR C 87 -30.97 -20.37 -25.36
CA TYR C 87 -30.21 -20.36 -24.10
C TYR C 87 -30.76 -19.33 -23.11
N ASN C 88 -30.50 -19.54 -21.82
CA ASN C 88 -30.89 -18.56 -20.79
C ASN C 88 -29.68 -17.87 -20.16
N SER C 89 -28.51 -18.09 -20.75
CA SER C 89 -27.28 -17.49 -20.26
C SER C 89 -26.34 -17.25 -21.43
N GLY C 90 -25.35 -16.40 -21.22
CA GLY C 90 -24.46 -16.03 -22.31
C GLY C 90 -23.11 -16.71 -22.24
N THR C 91 -22.14 -16.11 -22.91
CA THR C 91 -20.79 -16.67 -23.00
C THR C 91 -20.05 -16.51 -21.68
N SER C 92 -18.82 -17.04 -21.64
CA SER C 92 -18.00 -17.02 -20.43
C SER C 92 -17.56 -15.62 -20.02
N THR C 93 -17.78 -14.65 -20.90
CA THR C 93 -17.36 -13.28 -20.64
C THR C 93 -18.55 -12.34 -20.42
N GLN C 94 -19.76 -12.86 -20.61
CA GLN C 94 -20.96 -12.05 -20.44
C GLN C 94 -21.50 -12.16 -19.01
N THR C 95 -21.03 -11.26 -18.14
CA THR C 95 -21.39 -11.26 -16.73
C THR C 95 -22.90 -11.15 -16.55
N MET C 96 -23.47 -12.02 -15.73
CA MET C 96 -24.91 -12.01 -15.53
C MET C 96 -25.36 -11.66 -14.12
N LEU C 97 -24.51 -11.92 -13.13
CA LEU C 97 -24.81 -11.68 -11.72
C LEU C 97 -23.64 -10.96 -11.07
N THR C 98 -23.93 -9.92 -10.30
CA THR C 98 -22.89 -9.28 -9.50
C THR C 98 -23.26 -9.32 -8.01
N LEU C 99 -22.32 -9.71 -7.14
CA LEU C 99 -22.64 -9.89 -5.71
C LEU C 99 -21.89 -8.93 -4.78
N GLY C 100 -22.59 -8.53 -3.71
CA GLY C 100 -22.03 -7.63 -2.71
C GLY C 100 -20.99 -8.26 -1.78
N SER C 101 -20.42 -7.44 -0.89
CA SER C 101 -19.28 -7.83 -0.08
C SER C 101 -19.57 -8.82 1.05
N ASP C 102 -20.82 -8.84 1.54
CA ASP C 102 -21.17 -9.79 2.60
C ASP C 102 -21.87 -11.03 2.04
N LEU C 103 -21.73 -11.23 0.73
CA LEU C 103 -22.23 -12.45 0.10
C LEU C 103 -21.05 -13.35 -0.23
N GLY C 104 -21.18 -14.63 0.10
CA GLY C 104 -20.10 -15.58 -0.08
C GLY C 104 -19.98 -16.17 -1.46
N LYS C 105 -19.47 -17.40 -1.52
CA LYS C 105 -19.25 -18.10 -2.79
C LYS C 105 -20.53 -18.81 -3.23
N PRO C 106 -21.00 -18.50 -4.44
CA PRO C 106 -22.24 -19.08 -5.01
C PRO C 106 -22.15 -20.60 -5.08
N SER C 107 -23.30 -21.27 -4.99
CA SER C 107 -23.33 -22.73 -5.10
C SER C 107 -23.24 -23.13 -6.55
N GLY C 108 -23.34 -24.43 -6.82
CA GLY C 108 -23.48 -24.91 -8.18
C GLY C 108 -24.83 -24.46 -8.72
N VAL C 109 -24.94 -24.32 -10.03
CA VAL C 109 -26.18 -23.86 -10.63
C VAL C 109 -26.99 -25.02 -11.21
N LYS C 110 -28.15 -25.27 -10.62
CA LYS C 110 -29.06 -26.29 -11.15
C LYS C 110 -29.77 -25.77 -12.39
N ASN C 111 -29.86 -26.60 -13.42
CA ASN C 111 -30.54 -26.26 -14.65
C ASN C 111 -31.70 -27.20 -14.93
N TYR C 112 -32.87 -26.64 -15.21
CA TYR C 112 -34.06 -27.46 -15.43
C TYR C 112 -35.15 -26.77 -16.23
N ILE C 113 -36.13 -27.56 -16.67
CA ILE C 113 -37.27 -27.05 -17.40
C ILE C 113 -38.49 -27.05 -16.48
N THR C 114 -39.18 -25.91 -16.43
CA THR C 114 -40.37 -25.76 -15.59
C THR C 114 -41.64 -25.60 -16.44
N ASP C 115 -42.78 -26.07 -15.91
CA ASP C 115 -44.06 -25.93 -16.61
C ASP C 115 -44.74 -24.58 -16.40
N LYS C 116 -46.03 -24.53 -16.75
CA LYS C 116 -46.82 -23.31 -16.69
C LYS C 116 -46.98 -22.77 -15.27
N ASN C 117 -46.90 -23.65 -14.29
CA ASN C 117 -47.05 -23.27 -12.89
C ASN C 117 -45.74 -23.24 -12.12
N GLY C 118 -44.61 -23.33 -12.84
CA GLY C 118 -43.32 -23.28 -12.20
C GLY C 118 -42.83 -24.61 -11.67
N ARG C 119 -43.57 -25.68 -11.95
CA ARG C 119 -43.17 -27.02 -11.51
C ARG C 119 -42.08 -27.58 -12.40
N GLN C 120 -41.10 -28.24 -11.79
CA GLN C 120 -39.99 -28.83 -12.52
C GLN C 120 -40.49 -30.01 -13.36
N VAL C 121 -40.20 -29.97 -14.65
CA VAL C 121 -40.59 -31.02 -15.58
C VAL C 121 -39.45 -32.02 -15.74
N LEU C 122 -38.25 -31.49 -15.97
CA LEU C 122 -37.05 -32.30 -16.11
C LEU C 122 -35.83 -31.46 -15.74
N SER C 123 -34.70 -32.11 -15.51
CA SER C 123 -33.48 -31.38 -15.15
C SER C 123 -32.30 -31.72 -16.06
N TYR C 124 -31.43 -30.75 -16.26
CA TYR C 124 -30.21 -30.94 -17.03
C TYR C 124 -29.03 -31.03 -16.07
N ASN C 125 -27.82 -31.08 -16.62
CA ASN C 125 -26.64 -31.16 -15.77
C ASN C 125 -26.40 -29.88 -14.98
N THR C 126 -25.90 -30.01 -13.77
CA THR C 126 -25.63 -28.88 -12.90
C THR C 126 -24.42 -28.11 -13.44
N SER C 127 -24.49 -26.79 -13.43
CA SER C 127 -23.41 -25.95 -13.93
C SER C 127 -22.53 -25.42 -12.81
N THR C 128 -21.36 -24.91 -13.18
CA THR C 128 -20.41 -24.38 -12.21
C THR C 128 -20.25 -22.88 -12.42
N MET C 129 -20.28 -22.13 -11.32
CA MET C 129 -20.04 -20.70 -11.36
C MET C 129 -18.56 -20.42 -11.55
N THR C 130 -18.24 -19.56 -12.52
CA THR C 130 -16.87 -19.08 -12.68
C THR C 130 -16.90 -17.57 -12.52
N THR C 131 -15.94 -17.06 -11.76
CA THR C 131 -15.89 -15.65 -11.42
C THR C 131 -15.24 -14.75 -12.49
N GLN C 132 -15.68 -13.50 -12.56
CA GLN C 132 -15.00 -12.49 -13.37
C GLN C 132 -14.04 -11.71 -12.48
N GLY C 133 -14.05 -12.04 -11.19
CA GLY C 133 -13.14 -11.39 -10.27
C GLY C 133 -13.80 -10.32 -9.40
N SER C 134 -13.03 -9.78 -8.46
CA SER C 134 -13.52 -8.73 -7.57
C SER C 134 -13.07 -7.35 -8.07
N GLY C 135 -14.02 -6.43 -8.18
CA GLY C 135 -13.73 -5.07 -8.63
C GLY C 135 -13.41 -4.13 -7.48
N TYR C 136 -12.53 -3.18 -7.72
CA TYR C 136 -12.07 -2.29 -6.64
C TYR C 136 -11.96 -0.83 -7.04
N THR C 137 -12.00 0.02 -6.02
CA THR C 137 -11.73 1.44 -6.14
C THR C 137 -11.14 1.90 -4.81
N TRP C 138 -10.53 3.08 -4.81
CA TRP C 138 -10.06 3.69 -3.58
C TRP C 138 -10.54 5.12 -3.46
N GLY C 139 -10.80 5.56 -2.23
CA GLY C 139 -11.30 6.91 -2.02
C GLY C 139 -10.19 7.83 -1.56
N ASN C 140 -10.54 9.06 -1.21
CA ASN C 140 -9.58 10.05 -0.74
C ASN C 140 -8.41 10.18 -1.71
N GLY C 141 -8.72 10.20 -2.99
CA GLY C 141 -7.71 10.24 -4.04
C GLY C 141 -6.85 11.48 -3.95
N ALA C 142 -5.56 11.34 -4.22
CA ALA C 142 -4.66 12.46 -4.18
C ALA C 142 -4.72 13.23 -5.50
N GLN C 143 -4.09 14.39 -5.54
CA GLN C 143 -4.11 15.21 -6.74
C GLN C 143 -2.75 15.84 -6.99
N MET C 144 -2.49 16.17 -8.26
CA MET C 144 -1.28 16.89 -8.63
C MET C 144 -1.64 18.23 -9.27
N ASN C 145 -0.96 19.28 -8.85
CA ASN C 145 -1.23 20.61 -9.37
C ASN C 145 -0.37 20.94 -10.58
N GLY C 146 -0.72 22.03 -11.27
CA GLY C 146 -0.01 22.47 -12.45
C GLY C 146 1.44 22.79 -12.17
N PHE C 147 1.69 23.30 -10.96
CA PHE C 147 3.04 23.63 -10.53
C PHE C 147 3.96 22.41 -10.62
N PHE C 148 3.45 21.25 -10.19
CA PHE C 148 4.20 20.01 -10.28
C PHE C 148 4.21 19.43 -11.68
N ALA C 149 3.05 19.43 -12.33
CA ALA C 149 2.92 18.91 -13.69
C ALA C 149 3.93 19.54 -14.64
N LYS C 150 4.09 20.85 -14.54
CA LYS C 150 4.99 21.59 -15.40
C LYS C 150 6.48 21.31 -15.12
N LYS C 151 6.76 20.67 -13.99
CA LYS C 151 8.12 20.23 -13.68
C LYS C 151 8.40 18.86 -14.26
N GLY C 152 7.37 18.27 -14.87
CA GLY C 152 7.49 16.93 -15.41
C GLY C 152 7.25 15.91 -14.31
N TYR C 153 6.65 16.33 -13.21
CA TYR C 153 6.37 15.41 -12.11
C TYR C 153 5.13 14.59 -12.43
N GLY C 154 4.92 13.52 -11.68
CA GLY C 154 3.78 12.67 -11.90
C GLY C 154 3.04 12.35 -10.62
N LEU C 155 1.77 12.02 -10.76
CA LEU C 155 0.95 11.60 -9.62
C LEU C 155 0.95 10.09 -9.57
N THR C 156 1.41 9.54 -8.45
CA THR C 156 1.67 8.12 -8.35
C THR C 156 0.95 7.48 -7.16
N SER C 157 0.30 6.35 -7.43
CA SER C 157 -0.29 5.54 -6.37
C SER C 157 0.27 4.13 -6.46
N SER C 158 0.44 3.49 -5.31
CA SER C 158 0.97 2.13 -5.28
C SER C 158 0.30 1.29 -4.21
N TRP C 159 0.21 -0.01 -4.48
CA TRP C 159 -0.40 -0.95 -3.55
C TRP C 159 0.09 -2.36 -3.84
N THR C 160 -0.20 -3.27 -2.91
CA THR C 160 0.16 -4.67 -3.08
C THR C 160 -1.08 -5.54 -2.98
N VAL C 161 -1.03 -6.71 -3.62
CA VAL C 161 -2.13 -7.68 -3.58
C VAL C 161 -1.52 -9.07 -3.37
N PRO C 162 -1.95 -9.76 -2.30
CA PRO C 162 -1.40 -11.09 -1.99
C PRO C 162 -1.80 -12.14 -3.03
N ILE C 163 -0.91 -13.11 -3.25
CA ILE C 163 -1.17 -14.19 -4.19
C ILE C 163 -1.43 -15.48 -3.41
N THR C 164 -2.56 -16.12 -3.70
CA THR C 164 -2.96 -17.32 -2.99
C THR C 164 -3.14 -18.52 -3.92
N GLY C 165 -2.86 -18.31 -5.21
CA GLY C 165 -2.99 -19.38 -6.19
C GLY C 165 -2.51 -19.02 -7.58
N THR C 166 -3.01 -19.74 -8.57
CA THR C 166 -2.51 -19.62 -9.95
C THR C 166 -3.16 -18.47 -10.71
N ASP C 167 -4.43 -18.22 -10.45
CA ASP C 167 -5.16 -17.18 -11.18
C ASP C 167 -4.83 -15.79 -10.65
N THR C 168 -3.84 -15.16 -11.28
CA THR C 168 -3.42 -13.83 -10.89
C THR C 168 -3.83 -12.84 -11.97
N SER C 169 -4.91 -13.17 -12.66
CA SER C 169 -5.43 -12.30 -13.71
C SER C 169 -5.94 -11.02 -13.07
N PHE C 170 -5.96 -9.95 -13.85
CA PHE C 170 -6.47 -8.67 -13.37
C PHE C 170 -6.76 -7.76 -14.54
N THR C 171 -7.56 -6.73 -14.31
CA THR C 171 -7.71 -5.65 -15.27
C THR C 171 -7.56 -4.31 -14.55
N PHE C 172 -7.04 -3.32 -15.27
CA PHE C 172 -6.86 -1.99 -14.69
C PHE C 172 -7.32 -0.91 -15.64
N THR C 173 -8.08 0.04 -15.11
CA THR C 173 -8.58 1.15 -15.90
C THR C 173 -7.96 2.45 -15.41
N PRO C 174 -7.08 3.04 -16.24
CA PRO C 174 -6.41 4.30 -15.87
C PRO C 174 -7.41 5.44 -15.85
N TYR C 175 -7.15 6.45 -15.03
CA TYR C 175 -8.12 7.52 -14.86
C TYR C 175 -7.40 8.84 -14.59
N ALA C 176 -7.91 9.92 -15.18
CA ALA C 176 -7.39 11.25 -14.93
C ALA C 176 -8.48 12.26 -15.23
N ALA C 177 -8.65 13.22 -14.33
CA ALA C 177 -9.69 14.23 -14.47
C ALA C 177 -9.32 15.45 -13.66
N ARG C 178 -9.73 16.62 -14.13
CA ARG C 178 -9.54 17.84 -13.35
C ARG C 178 -10.39 17.76 -12.08
N THR C 179 -9.91 18.37 -11.01
CA THR C 179 -10.52 18.19 -9.69
C THR C 179 -11.93 18.76 -9.58
N ASP C 180 -12.29 19.67 -10.47
CA ASP C 180 -13.62 20.27 -10.45
C ASP C 180 -14.53 19.65 -11.52
N ARG C 181 -14.07 18.56 -12.11
CA ARG C 181 -14.85 17.82 -13.10
C ARG C 181 -14.36 16.37 -13.11
N ILE C 182 -14.64 15.66 -12.03
CA ILE C 182 -14.12 14.31 -11.83
C ILE C 182 -14.71 13.31 -12.83
N GLY C 183 -15.87 13.65 -13.38
CA GLY C 183 -16.61 12.76 -14.23
C GLY C 183 -16.02 12.56 -15.61
N ILE C 184 -15.20 13.51 -16.05
CA ILE C 184 -14.60 13.44 -17.37
C ILE C 184 -13.22 12.80 -17.32
N ASN C 185 -13.14 11.52 -17.69
CA ASN C 185 -11.88 10.80 -17.73
C ASN C 185 -11.07 11.16 -18.97
N TYR C 186 -9.90 11.72 -18.76
CA TYR C 186 -9.01 12.10 -19.85
C TYR C 186 -8.56 10.90 -20.70
N PHE C 187 -8.69 9.70 -20.16
CA PHE C 187 -8.29 8.50 -20.89
C PHE C 187 -9.47 7.86 -21.64
N ASN C 188 -10.69 8.17 -21.19
CA ASN C 188 -11.90 7.78 -21.91
C ASN C 188 -12.02 6.29 -22.24
N GLY C 189 -11.75 5.44 -21.26
CA GLY C 189 -11.88 4.00 -21.43
C GLY C 189 -10.92 3.37 -22.44
N GLY C 190 -10.14 4.20 -23.12
CA GLY C 190 -9.23 3.72 -24.15
C GLY C 190 -8.20 2.71 -23.69
N GLY C 191 -7.16 3.18 -23.01
CA GLY C 191 -6.03 2.33 -22.65
C GLY C 191 -6.27 1.43 -21.46
N LYS C 192 -7.26 0.55 -21.55
CA LYS C 192 -7.50 -0.42 -20.49
C LYS C 192 -6.46 -1.56 -20.54
N VAL C 193 -5.99 -1.98 -19.36
CA VAL C 193 -5.00 -3.05 -19.26
C VAL C 193 -5.67 -4.36 -18.84
N VAL C 194 -5.46 -5.41 -19.62
CA VAL C 194 -6.05 -6.72 -19.32
C VAL C 194 -4.94 -7.77 -19.30
N GLU C 195 -4.87 -8.55 -18.23
CA GLU C 195 -3.78 -9.50 -18.03
C GLU C 195 -4.27 -10.87 -17.53
N SER C 196 -3.80 -11.93 -18.19
CA SER C 196 -4.12 -13.29 -17.78
C SER C 196 -3.19 -13.79 -16.68
NA NA D . 21.22 11.75 31.15
C1 GOL E . 54.72 0.35 23.87
O1 GOL E . 53.80 -0.70 23.64
C2 GOL E . 55.04 0.40 25.35
O2 GOL E . 54.35 1.48 25.95
C3 GOL E . 56.54 0.63 25.53
O3 GOL E . 57.25 -0.37 24.84
#